data_4ILO
#
_entry.id   4ILO
#
_cell.length_a   88.345
_cell.length_b   92.634
_cell.length_c   82.652
_cell.angle_alpha   90.000
_cell.angle_beta   95.620
_cell.angle_gamma   90.000
#
_symmetry.space_group_name_H-M   'C 1 2 1'
#
loop_
_entity.id
_entity.type
_entity.pdbx_description
1 polymer CT398
2 non-polymer 'ZINC ION'
3 non-polymer 1,2-ETHANEDIOL
4 water water
#
_entity_poly.entity_id   1
_entity_poly.type   'polypeptide(L)'
_entity_poly.pdbx_seq_one_letter_code
;SNAMHDALQSILAIQELDIKMIRLMRVKKEHQNELAKIQALKTDIRRKVEEKEQEMEKLKDQIKGGEKRIQEISDQINKL
ENQQAAVKKMDEFNALTQEMTAANKERRTLEHQLSDLMDKQAGSEDLLISLKESLSSTENSSSAIEEEIRENIRKINEEG
RSLLSQRTQLKETTDPELFSVYERLLNNKKDRVVVPIENRVCSGCHIALTPQHENLVRKQDHLVFCEHCSRILYWQELQA
PSAEGATTKRRRRRTAV
;
_entity_poly.pdbx_strand_id   A,B
#
loop_
_chem_comp.id
_chem_comp.type
_chem_comp.name
_chem_comp.formula
EDO non-polymer 1,2-ETHANEDIOL 'C2 H6 O2'
ZN non-polymer 'ZINC ION' 'Zn 2'
#
# COMPACT_ATOMS: atom_id res chain seq x y z
N SER A 1 32.95 -46.93 5.41
CA SER A 1 32.43 -47.45 6.71
C SER A 1 30.91 -47.35 6.76
N ASN A 2 30.28 -48.42 7.29
CA ASN A 2 28.85 -48.41 7.61
C ASN A 2 28.48 -47.20 8.46
N ALA A 3 29.20 -47.00 9.57
CA ALA A 3 28.85 -45.94 10.51
C ALA A 3 29.01 -44.56 9.89
N MET A 4 30.05 -44.38 9.05
CA MET A 4 30.27 -43.09 8.39
C MET A 4 29.12 -42.78 7.44
N HIS A 5 28.69 -43.80 6.69
CA HIS A 5 27.51 -43.70 5.83
C HIS A 5 26.26 -43.29 6.62
N ASP A 6 26.07 -43.84 7.83
CA ASP A 6 24.93 -43.43 8.65
C ASP A 6 25.10 -41.99 9.16
N ALA A 7 26.30 -41.62 9.58
CA ALA A 7 26.51 -40.25 10.01
C ALA A 7 26.24 -39.28 8.86
N LEU A 8 26.61 -39.66 7.64
CA LEU A 8 26.44 -38.77 6.50
C LEU A 8 24.96 -38.65 6.18
N GLN A 9 24.28 -39.79 6.00
CA GLN A 9 22.85 -39.75 5.71
C GLN A 9 22.11 -38.87 6.72
N SER A 10 22.53 -38.92 7.98
CA SER A 10 21.84 -38.18 9.03
C SER A 10 22.09 -36.66 8.93
N ILE A 11 23.35 -36.25 8.76
CA ILE A 11 23.66 -34.84 8.60
C ILE A 11 23.12 -34.32 7.28
N LEU A 12 23.09 -35.15 6.24
CA LEU A 12 22.49 -34.70 5.00
C LEU A 12 21.03 -34.31 5.22
N ALA A 13 20.30 -35.09 6.02
CA ALA A 13 18.88 -34.80 6.22
C ALA A 13 18.69 -33.58 7.11
N ILE A 14 19.58 -33.40 8.10
CA ILE A 14 19.54 -32.17 8.89
C ILE A 14 19.86 -30.98 8.00
N GLN A 15 20.80 -31.16 7.08
CA GLN A 15 21.20 -30.08 6.20
C GLN A 15 20.02 -29.60 5.35
N GLU A 16 19.14 -30.50 4.92
CA GLU A 16 17.99 -30.06 4.13
C GLU A 16 17.03 -29.22 4.97
N LEU A 17 16.87 -29.56 6.25
CA LEU A 17 16.06 -28.73 7.14
C LEU A 17 16.69 -27.37 7.33
N ASP A 18 18.00 -27.33 7.59
CA ASP A 18 18.69 -26.05 7.77
C ASP A 18 18.58 -25.15 6.52
N ILE A 19 18.67 -25.73 5.31
CA ILE A 19 18.58 -24.89 4.12
C ILE A 19 17.20 -24.23 4.03
N LYS A 20 16.14 -25.01 4.23
CA LYS A 20 14.80 -24.46 4.24
C LYS A 20 14.68 -23.36 5.28
N MET A 21 15.19 -23.62 6.50
CA MET A 21 15.05 -22.64 7.56
C MET A 21 15.78 -21.36 7.22
N ILE A 22 16.93 -21.45 6.53
CA ILE A 22 17.62 -20.24 6.09
C ILE A 22 16.77 -19.51 5.07
N ARG A 23 16.16 -20.26 4.16
CA ARG A 23 15.28 -19.64 3.18
C ARG A 23 14.13 -18.95 3.87
N LEU A 24 13.42 -19.67 4.76
CA LEU A 24 12.29 -19.07 5.47
C LEU A 24 12.68 -17.77 6.15
N MET A 25 13.86 -17.73 6.80
CA MET A 25 14.21 -16.54 7.56
C MET A 25 14.46 -15.36 6.63
N ARG A 26 14.99 -15.64 5.44
CA ARG A 26 15.23 -14.58 4.47
C ARG A 26 13.92 -14.03 3.92
N VAL A 27 12.95 -14.90 3.62
CA VAL A 27 11.67 -14.44 3.11
C VAL A 27 10.91 -13.68 4.19
N LYS A 28 10.94 -14.15 5.43
CA LYS A 28 10.37 -13.38 6.54
C LYS A 28 10.95 -11.98 6.58
N LYS A 29 12.29 -11.87 6.66
CA LYS A 29 12.89 -10.55 6.68
C LYS A 29 12.42 -9.72 5.49
N GLU A 30 12.28 -10.33 4.32
CA GLU A 30 11.82 -9.55 3.15
C GLU A 30 10.38 -9.07 3.32
N HIS A 31 9.49 -9.92 3.86
CA HIS A 31 8.13 -9.49 4.16
C HIS A 31 8.12 -8.39 5.21
N GLN A 32 8.98 -8.49 6.24
CA GLN A 32 9.03 -7.44 7.26
C GLN A 32 9.53 -6.12 6.69
N ASN A 33 10.49 -6.16 5.77
CA ASN A 33 10.91 -4.92 5.10
C ASN A 33 9.76 -4.30 4.32
N GLU A 34 8.97 -5.14 3.62
CA GLU A 34 7.83 -4.68 2.83
C GLU A 34 6.78 -4.02 3.73
N LEU A 35 6.58 -4.56 4.94
CA LEU A 35 5.66 -3.95 5.91
C LEU A 35 6.18 -2.60 6.41
N ALA A 36 7.45 -2.54 6.81
CA ALA A 36 8.05 -1.30 7.25
C ALA A 36 8.02 -0.26 6.16
N LYS A 37 8.21 -0.67 4.89
CA LYS A 37 8.09 0.29 3.79
C LYS A 37 6.68 0.85 3.70
N ILE A 38 5.67 0.01 3.93
CA ILE A 38 4.28 0.46 3.87
C ILE A 38 3.97 1.37 5.07
N GLN A 39 4.33 0.93 6.29
CA GLN A 39 4.18 1.79 7.48
C GLN A 39 4.85 3.14 7.27
N ALA A 40 6.06 3.15 6.70
CA ALA A 40 6.80 4.40 6.53
C ALA A 40 6.13 5.32 5.51
N LEU A 41 5.47 4.78 4.49
CA LEU A 41 4.77 5.64 3.56
C LEU A 41 3.60 6.32 4.26
N LYS A 42 2.90 5.59 5.13
CA LYS A 42 1.82 6.20 5.90
C LYS A 42 2.36 7.18 6.91
N THR A 43 3.45 6.82 7.60
CA THR A 43 3.92 7.70 8.65
C THR A 43 4.39 9.02 8.07
N ASP A 44 4.95 9.00 6.86
CA ASP A 44 5.33 10.23 6.21
C ASP A 44 4.11 11.09 5.92
N ILE A 45 3.00 10.49 5.51
CA ILE A 45 1.84 11.30 5.20
C ILE A 45 1.23 11.86 6.48
N ARG A 46 1.24 11.09 7.56
CA ARG A 46 0.72 11.59 8.83
C ARG A 46 1.53 12.76 9.33
N ARG A 47 2.85 12.74 9.11
CA ARG A 47 3.69 13.85 9.55
C ARG A 47 3.33 15.11 8.80
N LYS A 48 3.10 14.99 7.48
CA LYS A 48 2.69 16.16 6.71
C LYS A 48 1.36 16.69 7.24
N VAL A 49 0.41 15.79 7.54
CA VAL A 49 -0.88 16.23 8.06
C VAL A 49 -0.70 16.97 9.38
N GLU A 50 0.17 16.46 10.27
CA GLU A 50 0.44 17.09 11.57
C GLU A 50 1.06 18.46 11.40
N GLU A 51 2.08 18.58 10.55
CA GLU A 51 2.70 19.88 10.35
C GLU A 51 1.69 20.88 9.79
N LYS A 52 0.80 20.41 8.91
CA LYS A 52 -0.21 21.31 8.34
C LYS A 52 -1.23 21.71 9.39
N GLU A 53 -1.63 20.77 10.24
CA GLU A 53 -2.56 21.12 11.31
C GLU A 53 -1.98 22.17 12.24
N GLN A 54 -0.70 22.04 12.61
CA GLN A 54 -0.11 23.02 13.54
C GLN A 54 -0.01 24.38 12.90
N GLU A 55 0.29 24.40 11.60
CA GLU A 55 0.34 25.64 10.84
C GLU A 55 -1.04 26.28 10.76
N MET A 56 -2.10 25.47 10.61
CA MET A 56 -3.45 26.00 10.57
C MET A 56 -3.83 26.57 11.92
N GLU A 57 -3.31 25.98 12.98
CA GLU A 57 -3.62 26.49 14.31
C GLU A 57 -3.01 27.87 14.51
N LYS A 58 -1.81 28.10 13.98
CA LYS A 58 -1.17 29.40 14.09
C LYS A 58 -1.91 30.43 13.27
N LEU A 59 -2.38 30.05 12.08
CA LEU A 59 -3.13 31.00 11.26
C LEU A 59 -4.42 31.39 11.96
N LYS A 60 -5.13 30.40 12.49
CA LYS A 60 -6.36 30.70 13.22
C LYS A 60 -6.16 31.82 14.23
N ASP A 61 -5.05 31.75 14.97
CA ASP A 61 -4.82 32.70 16.05
C ASP A 61 -4.31 34.04 15.56
N GLN A 62 -3.48 34.07 14.52
CA GLN A 62 -3.09 35.34 13.93
C GLN A 62 -4.27 36.02 13.26
N ILE A 63 -5.17 35.24 12.65
CA ILE A 63 -6.37 35.83 12.04
C ILE A 63 -7.26 36.45 13.12
N LYS A 64 -7.47 35.70 14.20
CA LYS A 64 -8.31 36.21 15.26
C LYS A 64 -7.67 37.44 15.89
N GLY A 65 -6.35 37.43 16.05
CA GLY A 65 -5.68 38.58 16.63
C GLY A 65 -5.72 39.79 15.72
N GLY A 66 -5.59 39.57 14.41
CA GLY A 66 -5.63 40.68 13.50
C GLY A 66 -7.00 41.33 13.46
N GLU A 67 -8.05 40.51 13.35
CA GLU A 67 -9.40 41.07 13.40
C GLU A 67 -9.61 41.93 14.65
N LYS A 68 -9.07 41.47 15.77
CA LYS A 68 -9.34 42.14 17.03
C LYS A 68 -8.66 43.52 17.06
N ARG A 69 -7.40 43.58 16.58
CA ARG A 69 -6.67 44.83 16.53
C ARG A 69 -7.26 45.77 15.47
N ILE A 70 -7.73 45.22 14.34
CA ILE A 70 -8.40 46.07 13.36
C ILE A 70 -9.63 46.69 13.99
N GLN A 71 -10.40 45.87 14.70
CA GLN A 71 -11.57 46.34 15.41
C GLN A 71 -11.22 47.48 16.37
N GLU A 72 -10.17 47.28 17.14
CA GLU A 72 -9.76 48.29 18.11
C GLU A 72 -9.36 49.61 17.43
N ILE A 73 -8.62 49.55 16.32
CA ILE A 73 -8.28 50.80 15.65
C ILE A 73 -9.53 51.49 15.09
N SER A 74 -10.42 50.68 14.54
CA SER A 74 -11.67 51.21 13.98
C SER A 74 -12.49 51.92 15.05
N ASP A 75 -12.58 51.34 16.25
CA ASP A 75 -13.30 52.02 17.33
C ASP A 75 -12.58 53.29 17.75
N GLN A 76 -11.27 53.28 17.71
CA GLN A 76 -10.53 54.46 18.13
C GLN A 76 -10.70 55.59 17.12
N ILE A 77 -10.69 55.26 15.83
CA ILE A 77 -10.92 56.28 14.81
C ILE A 77 -12.30 56.90 15.00
N ASN A 78 -13.30 56.07 15.28
CA ASN A 78 -14.63 56.62 15.56
C ASN A 78 -14.62 57.56 16.74
N LYS A 79 -13.92 57.20 17.82
CA LYS A 79 -13.83 58.13 18.95
C LYS A 79 -13.21 59.44 18.50
N LEU A 80 -12.16 59.37 17.66
CA LEU A 80 -11.49 60.61 17.29
C LEU A 80 -12.40 61.49 16.43
N GLU A 81 -13.25 60.88 15.63
CA GLU A 81 -14.16 61.65 14.78
C GLU A 81 -15.19 62.36 15.63
N ASN A 82 -15.74 61.69 16.62
CA ASN A 82 -16.64 62.37 17.53
C ASN A 82 -15.93 63.53 18.24
N GLN A 83 -14.68 63.33 18.68
CA GLN A 83 -13.97 64.41 19.37
C GLN A 83 -13.80 65.62 18.46
N GLN A 84 -13.42 65.36 17.20
CA GLN A 84 -13.15 66.43 16.29
C GLN A 84 -14.41 67.23 15.96
N ALA A 85 -15.57 66.57 15.88
CA ALA A 85 -16.79 67.29 15.58
C ALA A 85 -17.08 68.39 16.59
N ALA A 86 -16.55 68.26 17.82
CA ALA A 86 -16.79 69.22 18.90
C ALA A 86 -15.65 70.22 19.14
N VAL A 87 -14.48 70.06 18.50
CA VAL A 87 -13.38 70.96 18.85
C VAL A 87 -13.57 72.33 18.20
N LYS A 88 -12.99 73.33 18.85
CA LYS A 88 -13.06 74.70 18.37
C LYS A 88 -11.72 75.25 17.92
N LYS A 89 -10.62 74.79 18.49
CA LYS A 89 -9.32 75.36 18.16
C LYS A 89 -8.68 74.62 16.99
N MET A 90 -8.09 75.42 16.08
CA MET A 90 -7.47 74.90 14.87
C MET A 90 -6.38 73.88 15.18
N ASP A 91 -5.54 74.14 16.18
CA ASP A 91 -4.50 73.16 16.54
C ASP A 91 -5.09 71.79 16.94
N GLU A 92 -6.15 71.79 17.74
CA GLU A 92 -6.80 70.52 18.11
C GLU A 92 -7.46 69.89 16.92
N PHE A 93 -8.15 70.69 16.11
CA PHE A 93 -8.72 70.14 14.88
C PHE A 93 -7.65 69.43 14.07
N ASN A 94 -6.49 70.07 13.93
CA ASN A 94 -5.47 69.57 13.03
C ASN A 94 -4.83 68.32 13.60
N ALA A 95 -4.63 68.29 14.92
CA ALA A 95 -4.05 67.11 15.55
C ALA A 95 -4.92 65.90 15.30
N LEU A 96 -6.24 66.07 15.41
CA LEU A 96 -7.17 64.99 15.14
C LEU A 96 -7.16 64.57 13.67
N THR A 97 -7.09 65.52 12.74
CA THR A 97 -6.91 65.14 11.35
C THR A 97 -5.71 64.22 11.19
N GLN A 98 -4.56 64.66 11.76
CA GLN A 98 -3.32 63.95 11.55
C GLN A 98 -3.38 62.59 12.21
N GLU A 99 -3.93 62.52 13.43
CA GLU A 99 -4.04 61.25 14.12
C GLU A 99 -4.92 60.27 13.33
N MET A 100 -6.02 60.76 12.76
CA MET A 100 -6.92 59.86 12.05
C MET A 100 -6.27 59.36 10.77
N THR A 101 -5.50 60.22 10.13
CA THR A 101 -4.78 59.81 8.93
C THR A 101 -3.80 58.71 9.28
N ALA A 102 -3.07 58.89 10.39
CA ALA A 102 -2.06 57.91 10.78
C ALA A 102 -2.72 56.63 11.21
N ALA A 103 -3.81 56.75 11.98
CA ALA A 103 -4.49 55.55 12.45
C ALA A 103 -5.05 54.77 11.27
N ASN A 104 -5.67 55.48 10.29
CA ASN A 104 -6.22 54.80 9.13
C ASN A 104 -5.14 54.06 8.35
N LYS A 105 -3.95 54.65 8.27
CA LYS A 105 -2.90 54.04 7.47
C LYS A 105 -2.38 52.77 8.14
N GLU A 106 -2.26 52.79 9.46
CA GLU A 106 -1.91 51.58 10.19
C GLU A 106 -3.01 50.52 10.01
N ARG A 107 -4.28 50.94 10.05
CA ARG A 107 -5.36 49.99 9.92
C ARG A 107 -5.29 49.34 8.56
N ARG A 108 -5.04 50.15 7.54
CA ARG A 108 -4.92 49.66 6.17
C ARG A 108 -3.83 48.59 6.08
N THR A 109 -2.70 48.86 6.71
CA THR A 109 -1.62 47.89 6.77
C THR A 109 -2.05 46.60 7.45
N LEU A 110 -2.79 46.69 8.56
CA LEU A 110 -3.24 45.49 9.21
C LEU A 110 -4.22 44.72 8.33
N GLU A 111 -5.08 45.44 7.60
CA GLU A 111 -6.11 44.78 6.83
C GLU A 111 -5.51 43.99 5.70
N HIS A 112 -4.45 44.53 5.09
CA HIS A 112 -3.76 43.86 4.01
C HIS A 112 -3.02 42.64 4.54
N GLN A 113 -2.44 42.74 5.74
CA GLN A 113 -1.88 41.54 6.34
C GLN A 113 -2.97 40.52 6.65
N LEU A 114 -4.14 40.97 7.12
CA LEU A 114 -5.18 40.00 7.44
C LEU A 114 -5.63 39.26 6.19
N SER A 115 -5.76 40.00 5.09
CA SER A 115 -6.10 39.39 3.81
C SER A 115 -5.07 38.33 3.42
N ASP A 116 -3.81 38.62 3.71
CA ASP A 116 -2.72 37.70 3.41
C ASP A 116 -2.84 36.43 4.24
N LEU A 117 -3.09 36.58 5.53
CA LEU A 117 -3.30 35.44 6.39
C LEU A 117 -4.51 34.61 5.96
N MET A 118 -5.61 35.26 5.66
CA MET A 118 -6.80 34.51 5.26
C MET A 118 -6.54 33.71 3.97
N ASP A 119 -5.82 34.28 3.02
CA ASP A 119 -5.47 33.56 1.81
C ASP A 119 -4.53 32.40 2.11
N LYS A 120 -3.58 32.57 3.04
CA LYS A 120 -2.69 31.45 3.38
C LYS A 120 -3.51 30.34 4.02
N GLN A 121 -4.44 30.71 4.87
CA GLN A 121 -5.28 29.70 5.51
C GLN A 121 -6.14 28.98 4.48
N ALA A 122 -6.67 29.70 3.49
CA ALA A 122 -7.51 29.07 2.47
C ALA A 122 -6.72 28.04 1.66
N GLY A 123 -5.52 28.41 1.22
CA GLY A 123 -4.70 27.48 0.46
C GLY A 123 -4.17 26.32 1.29
N SER A 124 -3.81 26.59 2.54
CA SER A 124 -3.35 25.53 3.43
C SER A 124 -4.46 24.56 3.81
N GLU A 125 -5.71 25.05 3.96
CA GLU A 125 -6.84 24.17 4.14
C GLU A 125 -7.01 23.25 2.91
N ASP A 126 -6.87 23.79 1.70
CA ASP A 126 -6.95 22.91 0.54
C ASP A 126 -5.86 21.87 0.58
N LEU A 127 -4.69 22.24 1.08
CA LEU A 127 -3.59 21.28 1.11
C LEU A 127 -3.82 20.24 2.16
N LEU A 128 -4.32 20.66 3.32
CA LEU A 128 -4.65 19.70 4.37
C LEU A 128 -5.68 18.69 3.87
N ILE A 129 -6.67 19.17 3.13
CA ILE A 129 -7.75 18.29 2.69
C ILE A 129 -7.19 17.23 1.77
N SER A 130 -6.34 17.68 0.85
CA SER A 130 -5.71 16.78 -0.09
C SER A 130 -4.81 15.77 0.63
N LEU A 131 -4.12 16.20 1.70
CA LEU A 131 -3.23 15.25 2.40
C LEU A 131 -4.03 14.21 3.18
N LYS A 132 -5.15 14.60 3.77
CA LYS A 132 -6.02 13.64 4.44
C LYS A 132 -6.59 12.63 3.44
N GLU A 133 -7.01 13.10 2.27
CA GLU A 133 -7.48 12.20 1.22
C GLU A 133 -6.40 11.19 0.85
N SER A 134 -5.17 11.67 0.70
CA SER A 134 -4.07 10.82 0.30
C SER A 134 -3.73 9.80 1.39
N LEU A 135 -3.81 10.22 2.65
CA LEU A 135 -3.65 9.29 3.77
C LEU A 135 -4.74 8.22 3.76
N SER A 136 -5.99 8.61 3.50
CA SER A 136 -7.06 7.63 3.52
C SER A 136 -6.94 6.68 2.32
N SER A 137 -6.54 7.20 1.15
CA SER A 137 -6.39 6.34 -0.02
C SER A 137 -5.23 5.36 0.15
N THR A 138 -4.12 5.83 0.72
CA THR A 138 -2.97 4.96 0.93
C THR A 138 -3.33 3.83 1.89
N GLU A 139 -3.90 4.17 3.05
CA GLU A 139 -4.39 3.16 3.99
C GLU A 139 -5.34 2.17 3.30
N ASN A 140 -6.31 2.70 2.56
CA ASN A 140 -7.26 1.82 1.88
C ASN A 140 -6.54 0.90 0.90
N SER A 141 -5.66 1.44 0.05
CA SER A 141 -5.01 0.62 -0.97
C SER A 141 -4.09 -0.41 -0.37
N SER A 142 -3.76 -0.29 0.91
CA SER A 142 -2.70 -1.08 1.47
C SER A 142 -3.16 -2.06 2.53
N SER A 143 -4.36 -1.90 3.09
CA SER A 143 -4.68 -2.73 4.24
C SER A 143 -4.77 -4.21 3.85
N ALA A 144 -5.31 -4.49 2.67
CA ALA A 144 -5.42 -5.90 2.26
C ALA A 144 -4.04 -6.49 2.01
N ILE A 145 -3.11 -5.66 1.55
CA ILE A 145 -1.77 -6.14 1.28
C ILE A 145 -1.06 -6.43 2.60
N GLU A 146 -1.22 -5.54 3.58
CA GLU A 146 -0.54 -5.73 4.85
C GLU A 146 -1.03 -6.96 5.55
N GLU A 147 -2.34 -7.20 5.52
CA GLU A 147 -2.81 -8.37 6.22
C GLU A 147 -2.36 -9.65 5.52
N GLU A 148 -2.29 -9.61 4.18
CA GLU A 148 -1.80 -10.78 3.48
C GLU A 148 -0.32 -11.03 3.77
N ILE A 149 0.46 -9.95 3.92
CA ILE A 149 1.86 -10.12 4.30
C ILE A 149 1.96 -10.73 5.68
N ARG A 150 1.14 -10.22 6.64
CA ARG A 150 1.27 -10.70 8.01
C ARG A 150 0.86 -12.16 8.12
N GLU A 151 -0.15 -12.56 7.33
CA GLU A 151 -0.52 -13.97 7.34
C GLU A 151 0.59 -14.84 6.75
N ASN A 152 1.32 -14.33 5.76
CA ASN A 152 2.43 -15.11 5.20
C ASN A 152 3.52 -15.30 6.26
N ILE A 153 3.86 -14.23 6.97
CA ILE A 153 4.78 -14.34 8.10
C ILE A 153 4.27 -15.38 9.10
N ARG A 154 2.99 -15.30 9.50
CA ARG A 154 2.45 -16.29 10.42
C ARG A 154 2.74 -17.69 9.92
N LYS A 155 2.46 -17.95 8.64
CA LYS A 155 2.62 -19.29 8.09
C LYS A 155 4.09 -19.66 7.97
N ILE A 156 4.97 -18.66 7.82
CA ILE A 156 6.40 -18.94 7.87
C ILE A 156 6.81 -19.33 9.28
N ASN A 157 6.38 -18.55 10.27
CA ASN A 157 6.74 -18.83 11.65
C ASN A 157 6.33 -20.25 12.01
N GLU A 158 5.09 -20.63 11.66
CA GLU A 158 4.57 -21.94 12.05
C GLU A 158 5.26 -23.07 11.30
N GLU A 159 5.67 -22.83 10.04
CA GLU A 159 6.44 -23.83 9.31
C GLU A 159 7.84 -23.94 9.90
N GLY A 160 8.42 -22.80 10.29
CA GLY A 160 9.73 -22.81 10.95
C GLY A 160 9.70 -23.58 12.28
N ARG A 161 8.61 -23.44 13.03
CA ARG A 161 8.41 -24.23 14.24
C ARG A 161 8.53 -25.73 13.95
N SER A 162 7.85 -26.19 12.90
CA SER A 162 7.86 -27.62 12.57
C SER A 162 9.26 -28.10 12.14
N LEU A 163 9.97 -27.29 11.35
CA LEU A 163 11.29 -27.73 10.89
C LEU A 163 12.29 -27.73 12.03
N LEU A 164 12.10 -26.86 13.04
CA LEU A 164 12.95 -26.89 14.22
C LEU A 164 12.79 -28.20 14.98
N SER A 165 11.54 -28.58 15.28
CA SER A 165 11.31 -29.80 16.05
C SER A 165 11.81 -31.02 15.30
N GLN A 166 11.65 -31.03 13.97
CA GLN A 166 12.21 -32.10 13.17
C GLN A 166 13.73 -32.11 13.27
N ARG A 167 14.36 -30.93 13.18
CA ARG A 167 15.81 -30.86 13.29
C ARG A 167 16.27 -31.44 14.62
N THR A 168 15.50 -31.17 15.69
CA THR A 168 15.89 -31.63 17.02
C THR A 168 15.75 -33.13 17.17
N GLN A 169 14.74 -33.76 16.54
CA GLN A 169 14.59 -35.21 16.62
C GLN A 169 15.67 -35.95 15.83
N LEU A 170 16.34 -35.28 14.89
CA LEU A 170 17.41 -35.91 14.13
C LEU A 170 18.78 -35.69 14.75
N LYS A 171 18.98 -34.49 15.33
CA LYS A 171 20.20 -34.19 16.07
C LYS A 171 20.45 -35.21 17.18
N GLU A 172 19.39 -35.79 17.73
CA GLU A 172 19.58 -36.75 18.81
C GLU A 172 20.41 -37.94 18.35
N THR A 173 20.09 -38.52 17.19
CA THR A 173 20.75 -39.71 16.68
C THR A 173 21.93 -39.41 15.70
N THR A 174 22.42 -38.17 15.66
CA THR A 174 23.44 -37.74 14.71
C THR A 174 24.81 -37.68 15.39
N ASP A 175 25.86 -38.03 14.63
CA ASP A 175 27.21 -38.05 15.19
C ASP A 175 27.60 -36.66 15.67
N PRO A 176 27.98 -36.49 16.94
CA PRO A 176 28.16 -35.12 17.46
C PRO A 176 29.44 -34.43 17.03
N GLU A 177 30.46 -35.18 16.62
CA GLU A 177 31.69 -34.57 16.11
CA GLU A 177 31.67 -34.50 16.13
C GLU A 177 31.46 -33.99 14.72
N LEU A 178 30.78 -34.74 13.87
CA LEU A 178 30.45 -34.28 12.53
C LEU A 178 29.50 -33.09 12.59
N PHE A 179 28.48 -33.15 13.45
CA PHE A 179 27.53 -32.05 13.58
C PHE A 179 28.23 -30.76 14.02
N SER A 180 29.09 -30.87 15.03
CA SER A 180 29.89 -29.74 15.50
C SER A 180 30.70 -29.08 14.36
N VAL A 181 31.24 -29.88 13.44
CA VAL A 181 31.92 -29.30 12.27
C VAL A 181 30.90 -28.68 11.33
N TYR A 182 29.86 -29.46 11.00
CA TYR A 182 28.81 -29.04 10.07
C TYR A 182 28.27 -27.67 10.45
N GLU A 183 27.96 -27.51 11.72
CA GLU A 183 27.27 -26.32 12.19
C GLU A 183 28.14 -25.07 12.05
N ARG A 184 29.46 -25.19 12.32
CA ARG A 184 30.36 -24.05 12.14
C ARG A 184 30.54 -23.72 10.67
N LEU A 185 30.69 -24.74 9.83
CA LEU A 185 30.72 -24.53 8.38
C LEU A 185 29.46 -23.80 7.91
N LEU A 186 28.28 -24.26 8.38
CA LEU A 186 27.01 -23.73 7.91
C LEU A 186 26.85 -22.28 8.31
N ASN A 187 27.17 -21.98 9.57
CA ASN A 187 27.14 -20.59 10.02
C ASN A 187 28.06 -19.73 9.19
N ASN A 188 29.16 -20.29 8.70
CA ASN A 188 30.11 -19.53 7.90
C ASN A 188 29.60 -19.29 6.46
N LYS A 189 29.05 -20.33 5.81
CA LYS A 189 28.74 -20.28 4.39
C LYS A 189 27.27 -20.03 4.08
N LYS A 190 26.37 -20.44 4.97
CA LYS A 190 24.93 -20.20 4.77
C LYS A 190 24.37 -20.95 3.56
N ASP A 191 24.95 -22.11 3.24
CA ASP A 191 24.42 -22.96 2.17
C ASP A 191 25.00 -24.36 2.42
N ARG A 192 24.83 -25.27 1.46
CA ARG A 192 25.17 -26.67 1.74
C ARG A 192 26.66 -26.78 1.98
N VAL A 193 27.02 -27.34 3.14
CA VAL A 193 28.41 -27.49 3.52
C VAL A 193 28.88 -28.97 3.58
N VAL A 194 27.96 -29.93 3.53
CA VAL A 194 28.29 -31.34 3.33
C VAL A 194 27.89 -31.63 1.89
N VAL A 195 28.87 -31.73 1.00
CA VAL A 195 28.54 -31.70 -0.43
C VAL A 195 29.24 -32.83 -1.17
N PRO A 196 28.66 -33.36 -2.26
CA PRO A 196 29.28 -34.48 -2.93
C PRO A 196 30.29 -34.03 -4.00
N ILE A 197 31.18 -34.96 -4.34
CA ILE A 197 32.03 -34.85 -5.53
C ILE A 197 31.15 -34.97 -6.77
N GLU A 198 31.21 -33.96 -7.65
CA GLU A 198 30.55 -34.01 -8.96
C GLU A 198 31.59 -33.74 -10.03
N ASN A 199 31.66 -34.59 -11.04
CA ASN A 199 32.59 -34.38 -12.15
C ASN A 199 34.00 -34.14 -11.62
N ARG A 200 34.35 -34.87 -10.57
CA ARG A 200 35.67 -34.79 -9.95
C ARG A 200 36.01 -33.39 -9.41
N VAL A 201 35.02 -32.50 -9.19
CA VAL A 201 35.25 -31.22 -8.49
C VAL A 201 34.39 -31.17 -7.22
N CYS A 202 34.74 -30.23 -6.34
CA CYS A 202 33.92 -29.91 -5.18
C CYS A 202 32.66 -29.23 -5.68
N SER A 203 31.49 -29.76 -5.31
CA SER A 203 30.26 -29.15 -5.79
C SER A 203 29.88 -27.92 -4.99
N GLY A 204 30.55 -27.69 -3.87
CA GLY A 204 30.40 -26.43 -3.14
C GLY A 204 31.11 -25.25 -3.78
N CYS A 205 32.36 -25.42 -4.21
CA CYS A 205 33.14 -24.31 -4.76
C CYS A 205 33.55 -24.51 -6.21
N HIS A 206 33.38 -25.72 -6.75
CA HIS A 206 33.68 -26.10 -8.15
C HIS A 206 35.17 -26.21 -8.45
N ILE A 207 36.00 -26.35 -7.44
CA ILE A 207 37.42 -26.54 -7.67
C ILE A 207 37.72 -28.05 -7.70
N ALA A 208 38.46 -28.49 -8.71
CA ALA A 208 38.73 -29.92 -8.89
C ALA A 208 39.62 -30.48 -7.78
N LEU A 209 39.35 -31.71 -7.37
CA LEU A 209 40.21 -32.37 -6.41
C LEU A 209 41.39 -33.00 -7.13
N THR A 210 42.53 -33.03 -6.44
CA THR A 210 43.61 -33.87 -6.92
C THR A 210 43.14 -35.33 -6.86
N PRO A 211 43.63 -36.19 -7.75
CA PRO A 211 43.24 -37.62 -7.67
C PRO A 211 43.52 -38.26 -6.33
N GLN A 212 44.63 -37.89 -5.69
CA GLN A 212 44.90 -38.39 -4.35
C GLN A 212 43.75 -38.05 -3.39
N HIS A 213 43.26 -36.80 -3.45
CA HIS A 213 42.22 -36.35 -2.54
C HIS A 213 40.91 -37.08 -2.81
N GLU A 214 40.59 -37.32 -4.08
CA GLU A 214 39.43 -38.14 -4.39
C GLU A 214 39.57 -39.54 -3.79
N ASN A 215 40.75 -40.17 -3.96
CA ASN A 215 40.99 -41.44 -3.30
C ASN A 215 40.63 -41.38 -1.82
N LEU A 216 41.10 -40.34 -1.12
CA LEU A 216 40.80 -40.20 0.30
C LEU A 216 39.30 -40.16 0.55
N VAL A 217 38.54 -39.41 -0.26
CA VAL A 217 37.10 -39.28 -0.01
C VAL A 217 36.41 -40.62 -0.21
N ARG A 218 36.76 -41.34 -1.26
CA ARG A 218 36.14 -42.64 -1.51
C ARG A 218 36.32 -43.62 -0.36
N LYS A 219 37.45 -43.58 0.36
CA LYS A 219 37.65 -44.57 1.42
C LYS A 219 36.55 -44.46 2.46
N GLN A 220 35.97 -43.26 2.64
CA GLN A 220 34.81 -43.13 3.50
C GLN A 220 35.10 -43.58 4.91
N ASP A 221 36.37 -43.53 5.31
CA ASP A 221 36.80 -43.96 6.63
C ASP A 221 37.21 -42.82 7.54
N HIS A 222 37.10 -41.57 7.09
CA HIS A 222 37.30 -40.38 7.93
C HIS A 222 36.78 -39.13 7.22
N LEU A 223 36.54 -38.08 7.99
CA LEU A 223 36.00 -36.85 7.41
C LEU A 223 37.06 -36.21 6.54
N VAL A 224 36.71 -35.97 5.26
CA VAL A 224 37.60 -35.33 4.31
C VAL A 224 36.96 -34.01 3.85
N PHE A 225 37.76 -32.95 3.83
CA PHE A 225 37.33 -31.58 3.57
C PHE A 225 37.94 -31.08 2.27
N CYS A 226 37.18 -30.25 1.54
CA CYS A 226 37.71 -29.61 0.35
C CYS A 226 38.93 -28.78 0.72
N GLU A 227 40.01 -28.95 -0.06
CA GLU A 227 41.26 -28.25 0.18
C GLU A 227 41.15 -26.75 -0.10
N HIS A 228 40.07 -26.30 -0.75
CA HIS A 228 39.91 -24.88 -1.07
C HIS A 228 38.81 -24.18 -0.31
N CYS A 229 37.64 -24.81 -0.11
CA CYS A 229 36.58 -24.14 0.62
C CYS A 229 36.34 -24.70 2.01
N SER A 230 36.93 -25.84 2.34
CA SER A 230 36.87 -26.47 3.68
C SER A 230 35.53 -27.19 3.93
N ARG A 231 34.59 -27.21 3.00
CA ARG A 231 33.39 -28.00 3.16
C ARG A 231 33.73 -29.49 3.28
N ILE A 232 32.81 -30.24 3.89
CA ILE A 232 32.93 -31.71 4.00
C ILE A 232 32.54 -32.35 2.66
N LEU A 233 33.41 -33.19 2.11
CA LEU A 233 33.15 -33.86 0.84
C LEU A 233 32.78 -35.32 1.09
N TYR A 234 31.91 -35.85 0.23
CA TYR A 234 31.51 -37.25 0.33
C TYR A 234 31.24 -37.78 -1.07
N TRP A 235 31.14 -39.10 -1.17
CA TRP A 235 31.06 -39.81 -2.43
C TRP A 235 29.64 -40.39 -2.59
N GLN A 236 29.00 -40.05 -3.72
CA GLN A 236 27.60 -40.45 -4.07
C GLN A 236 26.59 -39.41 -3.59
N SER B 1 -18.68 -52.68 -0.32
CA SER B 1 -18.05 -53.28 -1.53
C SER B 1 -16.62 -52.77 -1.79
N ASN B 2 -15.75 -53.67 -2.27
CA ASN B 2 -14.40 -53.27 -2.72
C ASN B 2 -14.48 -52.30 -3.89
N ALA B 3 -15.37 -52.57 -4.86
CA ALA B 3 -15.58 -51.63 -5.96
C ALA B 3 -16.07 -50.29 -5.43
N MET B 4 -16.99 -50.32 -4.46
CA MET B 4 -17.48 -49.09 -3.83
C MET B 4 -16.36 -48.37 -3.07
N HIS B 5 -15.51 -49.13 -2.36
CA HIS B 5 -14.37 -48.55 -1.65
C HIS B 5 -13.38 -47.90 -2.61
N ASP B 6 -13.06 -48.58 -3.71
CA ASP B 6 -12.17 -47.98 -4.71
C ASP B 6 -12.77 -46.71 -5.29
N ALA B 7 -14.07 -46.72 -5.58
CA ALA B 7 -14.73 -45.53 -6.10
C ALA B 7 -14.74 -44.42 -5.07
N LEU B 8 -14.88 -44.75 -3.78
CA LEU B 8 -14.79 -43.71 -2.74
C LEU B 8 -13.40 -43.09 -2.68
N GLN B 9 -12.35 -43.91 -2.76
CA GLN B 9 -11.00 -43.36 -2.70
C GLN B 9 -10.75 -42.42 -3.88
N SER B 10 -11.22 -42.79 -5.08
CA SER B 10 -11.02 -41.91 -6.22
C SER B 10 -11.73 -40.58 -5.99
N ILE B 11 -12.96 -40.63 -5.49
CA ILE B 11 -13.71 -39.40 -5.39
C ILE B 11 -13.11 -38.50 -4.31
N LEU B 12 -12.64 -39.09 -3.21
CA LEU B 12 -12.01 -38.28 -2.18
C LEU B 12 -10.75 -37.60 -2.70
N ALA B 13 -9.98 -38.30 -3.54
CA ALA B 13 -8.79 -37.66 -4.09
C ALA B 13 -9.18 -36.51 -5.03
N ILE B 14 -10.20 -36.73 -5.86
CA ILE B 14 -10.68 -35.67 -6.71
C ILE B 14 -11.13 -34.48 -5.87
N GLN B 15 -11.90 -34.76 -4.81
CA GLN B 15 -12.40 -33.69 -3.97
C GLN B 15 -11.26 -32.82 -3.42
N GLU B 16 -10.15 -33.44 -3.01
CA GLU B 16 -9.06 -32.63 -2.45
C GLU B 16 -8.49 -31.70 -3.51
N LEU B 17 -8.37 -32.20 -4.73
CA LEU B 17 -7.95 -31.34 -5.83
C LEU B 17 -8.95 -30.21 -6.03
N ASP B 18 -10.25 -30.50 -6.01
CA ASP B 18 -11.24 -29.47 -6.32
C ASP B 18 -11.29 -28.43 -5.21
N ILE B 19 -11.04 -28.84 -3.97
CA ILE B 19 -10.99 -27.86 -2.89
C ILE B 19 -9.82 -26.89 -3.10
N LYS B 20 -8.63 -27.42 -3.39
CA LYS B 20 -7.50 -26.55 -3.70
C LYS B 20 -7.81 -25.63 -4.88
N MET B 21 -8.42 -26.15 -5.96
CA MET B 21 -8.71 -25.28 -7.11
C MET B 21 -9.64 -24.14 -6.72
N ILE B 22 -10.66 -24.42 -5.92
CA ILE B 22 -11.60 -23.40 -5.48
C ILE B 22 -10.85 -22.32 -4.69
N ARG B 23 -9.99 -22.75 -3.77
CA ARG B 23 -9.19 -21.79 -3.04
C ARG B 23 -8.28 -21.01 -4.00
N LEU B 24 -7.63 -21.70 -4.94
CA LEU B 24 -6.74 -20.99 -5.87
C LEU B 24 -7.50 -19.93 -6.64
N MET B 25 -8.72 -20.23 -7.10
CA MET B 25 -9.47 -19.22 -7.86
C MET B 25 -9.83 -18.05 -6.96
N ARG B 26 -10.25 -18.33 -5.72
CA ARG B 26 -10.55 -17.25 -4.79
C ARG B 26 -9.32 -16.40 -4.52
N VAL B 27 -8.16 -17.01 -4.27
CA VAL B 27 -6.97 -16.21 -4.02
C VAL B 27 -6.56 -15.42 -5.26
N LYS B 28 -6.62 -16.05 -6.44
CA LYS B 28 -6.29 -15.32 -7.66
C LYS B 28 -7.16 -14.08 -7.82
N LYS B 29 -8.47 -14.21 -7.62
CA LYS B 29 -9.33 -13.03 -7.74
C LYS B 29 -8.95 -11.97 -6.70
N GLU B 30 -8.67 -12.38 -5.46
CA GLU B 30 -8.33 -11.39 -4.44
C GLU B 30 -7.08 -10.62 -4.84
N HIS B 31 -6.10 -11.32 -5.42
CA HIS B 31 -4.85 -10.68 -5.85
C HIS B 31 -5.08 -9.76 -7.03
N GLN B 32 -5.96 -10.14 -7.98
CA GLN B 32 -6.26 -9.23 -9.08
C GLN B 32 -6.90 -7.93 -8.55
N ASN B 33 -7.77 -8.05 -7.56
CA ASN B 33 -8.36 -6.84 -7.02
C ASN B 33 -7.35 -6.00 -6.23
N GLU B 34 -6.40 -6.63 -5.52
CA GLU B 34 -5.32 -5.88 -4.86
C GLU B 34 -4.53 -5.11 -5.90
N LEU B 35 -4.29 -5.75 -7.04
CA LEU B 35 -3.54 -5.13 -8.12
C LEU B 35 -4.31 -3.98 -8.71
N ALA B 36 -5.63 -4.11 -8.77
CA ALA B 36 -6.45 -3.08 -9.40
C ALA B 36 -6.61 -1.85 -8.51
N LYS B 37 -6.78 -2.03 -7.20
CA LYS B 37 -6.82 -0.85 -6.35
C LYS B 37 -5.55 -0.04 -6.54
N ILE B 38 -4.39 -0.70 -6.47
CA ILE B 38 -3.10 -0.04 -6.71
C ILE B 38 -3.12 0.68 -8.06
N GLN B 39 -3.40 -0.06 -9.14
CA GLN B 39 -3.41 0.59 -10.45
C GLN B 39 -4.35 1.79 -10.45
N ALA B 40 -5.54 1.64 -9.86
CA ALA B 40 -6.53 2.71 -9.92
C ALA B 40 -6.05 3.94 -9.17
N LEU B 41 -5.36 3.73 -8.05
CA LEU B 41 -4.87 4.82 -7.24
C LEU B 41 -3.93 5.71 -8.04
N LYS B 42 -2.96 5.09 -8.73
CA LYS B 42 -2.04 5.86 -9.55
C LYS B 42 -2.75 6.49 -10.74
N THR B 43 -3.67 5.75 -11.35
CA THR B 43 -4.45 6.35 -12.44
C THR B 43 -5.19 7.59 -11.95
N ASP B 44 -5.71 7.55 -10.73
CA ASP B 44 -6.46 8.69 -10.20
C ASP B 44 -5.55 9.87 -9.92
N ILE B 45 -4.33 9.61 -9.46
CA ILE B 45 -3.42 10.71 -9.22
C ILE B 45 -2.99 11.34 -10.54
N ARG B 46 -2.67 10.52 -11.54
CA ARG B 46 -2.29 11.09 -12.83
C ARG B 46 -3.40 12.00 -13.35
N ARG B 47 -4.65 11.54 -13.23
CA ARG B 47 -5.78 12.31 -13.75
C ARG B 47 -5.86 13.68 -13.06
N LYS B 48 -5.83 13.70 -11.74
CA LYS B 48 -5.83 14.95 -11.00
C LYS B 48 -4.64 15.82 -11.37
N VAL B 49 -3.47 15.22 -11.59
CA VAL B 49 -2.36 16.04 -12.05
C VAL B 49 -2.72 16.72 -13.36
N GLU B 50 -3.30 15.97 -14.30
CA GLU B 50 -3.55 16.52 -15.63
C GLU B 50 -4.67 17.56 -15.58
N GLU B 51 -5.69 17.29 -14.79
CA GLU B 51 -6.72 18.26 -14.47
C GLU B 51 -6.10 19.56 -13.99
N LYS B 52 -5.21 19.45 -13.00
CA LYS B 52 -4.62 20.64 -12.42
C LYS B 52 -3.78 21.37 -13.45
N GLU B 53 -3.07 20.62 -14.30
CA GLU B 53 -2.28 21.31 -15.30
C GLU B 53 -3.17 22.05 -16.28
N GLN B 54 -4.33 21.48 -16.63
CA GLN B 54 -5.25 22.20 -17.51
C GLN B 54 -5.72 23.49 -16.87
N GLU B 55 -6.23 23.41 -15.65
CA GLU B 55 -6.66 24.60 -14.93
C GLU B 55 -5.51 25.60 -14.75
N MET B 56 -4.29 25.12 -14.47
CA MET B 56 -3.18 26.08 -14.43
C MET B 56 -3.06 26.83 -15.76
N GLU B 57 -3.29 26.12 -16.87
CA GLU B 57 -3.01 26.74 -18.17
C GLU B 57 -4.05 27.81 -18.51
N LYS B 58 -5.30 27.61 -18.10
CA LYS B 58 -6.32 28.65 -18.26
C LYS B 58 -6.01 29.85 -17.38
N LEU B 59 -5.53 29.62 -16.16
CA LEU B 59 -5.22 30.75 -15.27
C LEU B 59 -4.16 31.65 -15.86
N LYS B 60 -3.10 31.06 -16.43
CA LYS B 60 -2.04 31.83 -17.09
C LYS B 60 -2.63 32.79 -18.12
N ASP B 61 -3.63 32.36 -18.87
CA ASP B 61 -4.23 33.22 -19.90
C ASP B 61 -5.15 34.28 -19.26
N GLN B 62 -5.84 33.94 -18.18
CA GLN B 62 -6.72 34.91 -17.54
C GLN B 62 -5.92 36.02 -16.84
N ILE B 63 -4.73 35.70 -16.31
CA ILE B 63 -3.90 36.67 -15.61
C ILE B 63 -3.28 37.63 -16.61
N LYS B 64 -2.78 37.11 -17.71
CA LYS B 64 -2.21 37.99 -18.73
C LYS B 64 -3.28 38.93 -19.31
N GLY B 65 -4.48 38.40 -19.57
CA GLY B 65 -5.57 39.22 -20.07
C GLY B 65 -6.10 40.18 -19.03
N GLY B 66 -6.06 39.77 -17.77
CA GLY B 66 -6.47 40.68 -16.71
C GLY B 66 -5.52 41.86 -16.59
N GLU B 67 -4.20 41.60 -16.58
CA GLU B 67 -3.26 42.72 -16.52
C GLU B 67 -3.50 43.66 -17.69
N LYS B 68 -3.79 43.09 -18.87
CA LYS B 68 -4.01 43.88 -20.07
C LYS B 68 -5.23 44.76 -19.90
N ARG B 69 -6.31 44.23 -19.32
CA ARG B 69 -7.52 45.05 -19.16
C ARG B 69 -7.31 46.17 -18.14
N ILE B 70 -6.52 45.91 -17.09
CA ILE B 70 -6.21 46.94 -16.11
C ILE B 70 -5.40 48.05 -16.74
N GLN B 71 -4.41 47.66 -17.55
CA GLN B 71 -3.58 48.64 -18.24
C GLN B 71 -4.43 49.48 -19.20
N GLU B 72 -5.43 48.87 -19.84
CA GLU B 72 -6.32 49.63 -20.71
C GLU B 72 -7.00 50.75 -19.92
N ILE B 73 -7.49 50.46 -18.72
CA ILE B 73 -8.16 51.49 -17.96
C ILE B 73 -7.16 52.53 -17.47
N SER B 74 -5.95 52.10 -17.12
CA SER B 74 -4.96 53.09 -16.70
C SER B 74 -4.70 54.09 -17.79
N ASP B 75 -4.64 53.62 -19.04
CA ASP B 75 -4.47 54.50 -20.19
C ASP B 75 -5.65 55.43 -20.36
N GLN B 76 -6.87 54.89 -20.31
CA GLN B 76 -8.06 55.74 -20.33
C GLN B 76 -7.97 56.82 -19.28
N ILE B 77 -7.52 56.48 -18.07
CA ILE B 77 -7.46 57.49 -17.00
C ILE B 77 -6.47 58.60 -17.37
N ASN B 78 -5.28 58.21 -17.80
CA ASN B 78 -4.33 59.19 -18.30
C ASN B 78 -4.94 60.10 -19.38
N LYS B 79 -5.60 59.53 -20.40
CA LYS B 79 -6.19 60.41 -21.42
C LYS B 79 -7.22 61.36 -20.82
N LEU B 80 -8.07 60.86 -19.92
CA LEU B 80 -9.06 61.73 -19.32
C LEU B 80 -8.39 62.85 -18.53
N GLU B 81 -7.26 62.54 -17.87
CA GLU B 81 -6.54 63.52 -17.06
C GLU B 81 -6.03 64.68 -17.90
N ASN B 82 -5.55 64.40 -19.11
CA ASN B 82 -5.12 65.46 -20.01
C ASN B 82 -6.30 66.21 -20.59
N GLN B 83 -7.29 65.49 -21.16
CA GLN B 83 -8.54 66.12 -21.53
C GLN B 83 -8.93 67.12 -20.45
N GLN B 84 -8.90 66.69 -19.19
CA GLN B 84 -9.40 67.54 -18.12
C GLN B 84 -8.46 68.71 -17.83
N ALA B 85 -7.15 68.51 -17.95
CA ALA B 85 -6.24 69.62 -17.67
C ALA B 85 -6.43 70.79 -18.65
N ALA B 86 -6.99 70.52 -19.83
CA ALA B 86 -7.20 71.56 -20.84
C ALA B 86 -8.50 72.33 -20.66
N VAL B 87 -9.62 71.66 -20.35
CA VAL B 87 -10.95 72.28 -20.36
C VAL B 87 -10.93 73.64 -19.67
N LYS B 88 -11.88 74.50 -20.04
CA LYS B 88 -12.08 75.78 -19.36
C LYS B 88 -13.27 75.75 -18.41
N LYS B 89 -14.44 75.32 -18.87
CA LYS B 89 -15.66 75.43 -18.08
C LYS B 89 -15.73 74.37 -16.96
N MET B 90 -16.32 74.77 -15.83
CA MET B 90 -16.48 73.81 -14.73
C MET B 90 -17.43 72.68 -15.14
N ASP B 91 -18.49 73.00 -15.90
CA ASP B 91 -19.44 71.97 -16.27
C ASP B 91 -18.79 70.85 -17.09
N GLU B 92 -17.70 71.17 -17.82
CA GLU B 92 -16.93 70.14 -18.51
C GLU B 92 -16.00 69.42 -17.53
N PHE B 93 -15.20 70.19 -16.82
CA PHE B 93 -14.36 69.64 -15.76
C PHE B 93 -15.11 68.59 -14.93
N ASN B 94 -16.33 68.93 -14.47
CA ASN B 94 -17.02 68.07 -13.51
C ASN B 94 -17.47 66.78 -14.14
N ALA B 95 -17.77 66.79 -15.43
CA ALA B 95 -18.10 65.56 -16.11
C ALA B 95 -16.89 64.65 -16.20
N LEU B 96 -15.71 65.22 -16.52
CA LEU B 96 -14.52 64.39 -16.68
C LEU B 96 -14.05 63.82 -15.35
N THR B 97 -14.06 64.64 -14.30
CA THR B 97 -13.93 64.14 -12.94
C THR B 97 -14.77 62.88 -12.74
N GLN B 98 -16.04 62.95 -13.10
CA GLN B 98 -16.92 61.81 -12.84
C GLN B 98 -16.57 60.63 -13.75
N GLU B 99 -16.03 60.91 -14.94
CA GLU B 99 -15.57 59.82 -15.80
C GLU B 99 -14.34 59.17 -15.21
N MET B 100 -13.46 59.97 -14.62
CA MET B 100 -12.28 59.40 -13.98
C MET B 100 -12.67 58.54 -12.77
N THR B 101 -13.66 58.99 -11.98
CA THR B 101 -14.16 58.19 -10.87
C THR B 101 -14.71 56.85 -11.34
N ALA B 102 -15.55 56.86 -12.38
CA ALA B 102 -16.10 55.60 -12.88
C ALA B 102 -15.00 54.70 -13.41
N ALA B 103 -14.02 55.24 -14.13
CA ALA B 103 -12.91 54.42 -14.61
C ALA B 103 -12.11 53.85 -13.43
N ASN B 104 -11.79 54.67 -12.42
CA ASN B 104 -11.03 54.17 -11.29
C ASN B 104 -11.75 53.00 -10.61
N LYS B 105 -13.09 53.11 -10.48
CA LYS B 105 -13.86 52.02 -9.88
C LYS B 105 -13.81 50.78 -10.73
N GLU B 106 -13.89 50.94 -12.04
CA GLU B 106 -13.82 49.79 -12.92
C GLU B 106 -12.46 49.11 -12.82
N ARG B 107 -11.39 49.91 -12.80
CA ARG B 107 -10.05 49.36 -12.72
C ARG B 107 -9.89 48.60 -11.40
N ARG B 108 -10.44 49.13 -10.31
CA ARG B 108 -10.34 48.45 -9.03
C ARG B 108 -11.01 47.09 -9.06
N THR B 109 -12.21 47.02 -9.65
CA THR B 109 -12.89 45.73 -9.76
C THR B 109 -12.03 44.72 -10.49
N LEU B 110 -11.35 45.16 -11.54
CA LEU B 110 -10.47 44.26 -12.28
C LEU B 110 -9.24 43.91 -11.48
N GLU B 111 -8.75 44.84 -10.68
CA GLU B 111 -7.58 44.51 -9.90
C GLU B 111 -7.93 43.46 -8.86
N HIS B 112 -9.15 43.53 -8.31
CA HIS B 112 -9.61 42.50 -7.39
C HIS B 112 -9.70 41.17 -8.08
N GLN B 113 -10.25 41.15 -9.27
CA GLN B 113 -10.30 39.91 -10.03
C GLN B 113 -8.89 39.37 -10.27
N LEU B 114 -7.94 40.26 -10.54
CA LEU B 114 -6.59 39.80 -10.83
C LEU B 114 -5.95 39.16 -9.61
N SER B 115 -6.16 39.76 -8.42
CA SER B 115 -5.64 39.17 -7.19
C SER B 115 -6.28 37.82 -6.90
N ASP B 116 -7.58 37.68 -7.17
CA ASP B 116 -8.23 36.37 -7.01
C ASP B 116 -7.57 35.34 -7.88
N LEU B 117 -7.34 35.68 -9.14
CA LEU B 117 -6.69 34.77 -10.04
C LEU B 117 -5.28 34.40 -9.57
N MET B 118 -4.47 35.39 -9.20
CA MET B 118 -3.10 35.13 -8.77
C MET B 118 -3.07 34.20 -7.54
N ASP B 119 -3.99 34.42 -6.59
CA ASP B 119 -4.04 33.57 -5.41
C ASP B 119 -4.48 32.15 -5.77
N LYS B 120 -5.46 32.05 -6.62
CA LYS B 120 -5.88 30.74 -7.13
C LYS B 120 -4.73 30.01 -7.76
N GLN B 121 -3.96 30.70 -8.58
CA GLN B 121 -2.79 30.11 -9.21
C GLN B 121 -1.76 29.70 -8.15
N ALA B 122 -1.59 30.51 -7.10
CA ALA B 122 -0.65 30.13 -6.05
C ALA B 122 -1.11 28.87 -5.31
N GLY B 123 -2.37 28.82 -4.88
CA GLY B 123 -2.87 27.61 -4.21
C GLY B 123 -2.79 26.38 -5.09
N SER B 124 -3.19 26.50 -6.37
CA SER B 124 -3.17 25.36 -7.28
C SER B 124 -1.77 24.90 -7.58
N GLU B 125 -0.82 25.84 -7.62
CA GLU B 125 0.56 25.44 -7.78
C GLU B 125 1.00 24.54 -6.62
N ASP B 126 0.72 24.94 -5.37
CA ASP B 126 1.11 24.10 -4.25
C ASP B 126 0.40 22.75 -4.31
N LEU B 127 -0.87 22.73 -4.75
CA LEU B 127 -1.57 21.47 -4.84
C LEU B 127 -0.98 20.60 -5.93
N LEU B 128 -0.62 21.21 -7.06
CA LEU B 128 0.00 20.46 -8.12
C LEU B 128 1.33 19.88 -7.65
N ILE B 129 2.15 20.68 -6.98
CA ILE B 129 3.44 20.18 -6.51
C ILE B 129 3.23 18.99 -5.61
N SER B 130 2.24 19.07 -4.73
CA SER B 130 1.97 17.98 -3.80
C SER B 130 1.46 16.74 -4.53
N LEU B 131 0.59 16.91 -5.51
CA LEU B 131 0.12 15.78 -6.31
C LEU B 131 1.28 15.10 -7.02
N LYS B 132 2.19 15.88 -7.62
CA LYS B 132 3.30 15.21 -8.32
C LYS B 132 4.15 14.41 -7.35
N GLU B 133 4.38 14.94 -6.14
CA GLU B 133 5.16 14.22 -5.15
C GLU B 133 4.46 12.93 -4.75
N SER B 134 3.16 13.01 -4.58
CA SER B 134 2.37 11.84 -4.22
C SER B 134 2.42 10.80 -5.34
N LEU B 135 2.34 11.22 -6.61
CA LEU B 135 2.42 10.27 -7.72
C LEU B 135 3.81 9.64 -7.77
N SER B 136 4.85 10.44 -7.56
CA SER B 136 6.20 9.89 -7.53
C SER B 136 6.35 8.88 -6.39
N SER B 137 5.93 9.29 -5.19
CA SER B 137 6.09 8.44 -4.02
C SER B 137 5.30 7.14 -4.18
N THR B 138 4.18 7.20 -4.89
CA THR B 138 3.34 6.02 -5.03
C THR B 138 3.89 5.09 -6.10
N GLU B 139 4.27 5.62 -7.26
CA GLU B 139 4.90 4.78 -8.27
C GLU B 139 6.11 4.05 -7.72
N ASN B 140 6.80 4.64 -6.75
CA ASN B 140 8.03 4.04 -6.27
C ASN B 140 7.77 2.97 -5.21
N SER B 141 6.88 3.25 -4.26
CA SER B 141 6.53 2.29 -3.21
C SER B 141 5.73 1.10 -3.74
N SER B 142 5.12 1.22 -4.91
CA SER B 142 4.18 0.22 -5.38
C SER B 142 4.77 -0.77 -6.37
N SER B 143 5.96 -0.52 -6.88
CA SER B 143 6.46 -1.35 -7.98
C SER B 143 6.77 -2.78 -7.51
N ALA B 144 7.35 -2.93 -6.32
CA ALA B 144 7.79 -4.22 -5.85
C ALA B 144 6.60 -5.05 -5.36
N ILE B 145 5.68 -4.41 -4.64
CA ILE B 145 4.40 -5.03 -4.31
C ILE B 145 3.71 -5.54 -5.56
N GLU B 146 3.55 -4.68 -6.57
CA GLU B 146 2.90 -5.12 -7.80
C GLU B 146 3.58 -6.35 -8.36
N GLU B 147 4.92 -6.31 -8.42
CA GLU B 147 5.62 -7.42 -9.04
C GLU B 147 5.46 -8.70 -8.22
N GLU B 148 5.40 -8.57 -6.88
CA GLU B 148 5.16 -9.72 -6.00
C GLU B 148 3.76 -10.29 -6.23
N ILE B 149 2.76 -9.43 -6.40
CA ILE B 149 1.41 -9.95 -6.66
C ILE B 149 1.37 -10.64 -8.00
N ARG B 150 1.95 -10.02 -9.03
CA ARG B 150 1.91 -10.67 -10.34
C ARG B 150 2.59 -12.04 -10.28
N GLU B 151 3.68 -12.16 -9.52
CA GLU B 151 4.41 -13.44 -9.46
C GLU B 151 3.58 -14.51 -8.75
N ASN B 152 2.89 -14.13 -7.67
CA ASN B 152 1.97 -15.05 -7.00
C ASN B 152 0.83 -15.45 -7.93
N ILE B 153 0.35 -14.54 -8.76
CA ILE B 153 -0.65 -14.95 -9.73
C ILE B 153 -0.09 -16.03 -10.64
N ARG B 154 1.17 -15.88 -11.06
CA ARG B 154 1.74 -16.87 -11.97
C ARG B 154 1.93 -18.21 -11.30
N LYS B 155 2.37 -18.23 -10.03
CA LYS B 155 2.47 -19.52 -9.35
C LYS B 155 1.08 -20.15 -9.23
N ILE B 156 0.06 -19.35 -8.95
CA ILE B 156 -1.29 -19.88 -8.84
C ILE B 156 -1.74 -20.51 -10.15
N ASN B 157 -1.61 -19.80 -11.27
CA ASN B 157 -1.99 -20.38 -12.56
C ASN B 157 -1.22 -21.65 -12.85
N GLU B 158 0.03 -21.72 -12.37
CA GLU B 158 0.83 -22.91 -12.60
C GLU B 158 0.32 -24.06 -11.74
N GLU B 159 0.07 -23.79 -10.46
CA GLU B 159 -0.54 -24.83 -9.63
C GLU B 159 -1.87 -25.24 -10.21
N GLY B 160 -2.61 -24.29 -10.76
CA GLY B 160 -3.93 -24.58 -11.28
C GLY B 160 -3.89 -25.59 -12.42
N ARG B 161 -3.01 -25.36 -13.41
CA ARG B 161 -2.89 -26.29 -14.53
C ARG B 161 -2.50 -27.68 -14.05
N SER B 162 -1.66 -27.74 -13.01
CA SER B 162 -1.24 -29.05 -12.52
C SER B 162 -2.41 -29.76 -11.83
N LEU B 163 -3.15 -29.06 -10.99
CA LEU B 163 -4.28 -29.70 -10.33
C LEU B 163 -5.29 -30.21 -11.36
N LEU B 164 -5.55 -29.42 -12.39
CA LEU B 164 -6.51 -29.79 -13.42
C LEU B 164 -6.06 -31.06 -14.15
N SER B 165 -4.80 -31.10 -14.60
CA SER B 165 -4.32 -32.32 -15.23
C SER B 165 -4.48 -33.52 -14.28
N GLN B 166 -4.18 -33.35 -12.99
CA GLN B 166 -4.34 -34.44 -12.04
C GLN B 166 -5.80 -34.85 -11.88
N ARG B 167 -6.71 -33.87 -11.80
CA ARG B 167 -8.11 -34.21 -11.63
C ARG B 167 -8.61 -34.95 -12.86
N THR B 168 -8.22 -34.48 -14.06
CA THR B 168 -8.65 -35.13 -15.28
C THR B 168 -8.28 -36.62 -15.26
N GLN B 169 -7.05 -36.94 -14.86
CA GLN B 169 -6.61 -38.34 -14.82
C GLN B 169 -7.48 -39.18 -13.88
N LEU B 170 -7.78 -38.69 -12.67
CA LEU B 170 -8.65 -39.47 -11.79
C LEU B 170 -10.05 -39.63 -12.39
N LYS B 171 -10.63 -38.55 -12.91
CA LYS B 171 -11.95 -38.62 -13.54
C LYS B 171 -12.03 -39.74 -14.59
N GLU B 172 -10.94 -40.00 -15.32
CA GLU B 172 -10.90 -41.07 -16.32
C GLU B 172 -11.07 -42.46 -15.71
N THR B 173 -10.56 -42.69 -14.50
CA THR B 173 -10.63 -44.01 -13.86
C THR B 173 -11.69 -44.06 -12.77
N THR B 174 -12.64 -43.15 -12.78
CA THR B 174 -13.62 -43.03 -11.72
C THR B 174 -15.01 -43.30 -12.27
N ASP B 175 -15.79 -44.08 -11.51
CA ASP B 175 -17.18 -44.36 -11.88
C ASP B 175 -17.87 -43.06 -12.33
N PRO B 176 -18.38 -42.99 -13.56
CA PRO B 176 -18.97 -41.72 -14.03
C PRO B 176 -20.27 -41.36 -13.35
N GLU B 177 -21.02 -42.35 -12.88
CA GLU B 177 -22.30 -42.08 -12.25
C GLU B 177 -22.08 -41.53 -10.85
N LEU B 178 -21.17 -42.16 -10.08
CA LEU B 178 -20.73 -41.58 -8.81
C LEU B 178 -20.15 -40.19 -9.02
N PHE B 179 -19.32 -40.03 -10.04
CA PHE B 179 -18.72 -38.74 -10.25
C PHE B 179 -19.80 -37.69 -10.53
N SER B 180 -20.85 -38.09 -11.23
CA SER B 180 -21.92 -37.17 -11.58
C SER B 180 -22.69 -36.73 -10.35
N VAL B 181 -22.88 -37.65 -9.40
CA VAL B 181 -23.50 -37.30 -8.12
C VAL B 181 -22.61 -36.32 -7.35
N TYR B 182 -21.31 -36.58 -7.31
CA TYR B 182 -20.39 -35.70 -6.61
C TYR B 182 -20.38 -34.31 -7.21
N GLU B 183 -20.35 -34.21 -8.55
CA GLU B 183 -20.18 -32.89 -9.16
C GLU B 183 -21.43 -32.04 -8.98
N ARG B 184 -22.61 -32.64 -9.10
CA ARG B 184 -23.82 -31.87 -8.80
C ARG B 184 -23.77 -31.32 -7.38
N LEU B 185 -23.36 -32.15 -6.42
CA LEU B 185 -23.21 -31.66 -5.05
C LEU B 185 -22.18 -30.55 -4.96
N LEU B 186 -20.97 -30.77 -5.50
CA LEU B 186 -19.91 -29.78 -5.34
C LEU B 186 -20.30 -28.44 -5.97
N ASN B 187 -20.84 -28.48 -7.19
CA ASN B 187 -21.25 -27.25 -7.86
C ASN B 187 -22.25 -26.48 -6.99
N ASN B 188 -23.10 -27.19 -6.26
CA ASN B 188 -24.03 -26.52 -5.36
C ASN B 188 -23.36 -26.02 -4.08
N LYS B 189 -22.59 -26.86 -3.37
CA LYS B 189 -22.09 -26.47 -2.04
C LYS B 189 -20.74 -25.78 -2.09
N LYS B 190 -19.93 -26.02 -3.11
CA LYS B 190 -18.62 -25.34 -3.23
C LYS B 190 -17.73 -25.59 -2.02
N ASP B 191 -17.97 -26.67 -1.29
CA ASP B 191 -17.06 -27.16 -0.24
C ASP B 191 -17.14 -28.69 -0.28
N ARG B 192 -16.56 -29.36 0.72
CA ARG B 192 -16.51 -30.81 0.67
C ARG B 192 -17.93 -31.36 0.78
N VAL B 193 -18.27 -32.25 -0.15
CA VAL B 193 -19.57 -32.89 -0.18
C VAL B 193 -19.48 -34.40 -0.04
N VAL B 194 -18.28 -34.94 0.08
CA VAL B 194 -18.10 -36.34 0.44
C VAL B 194 -17.40 -36.30 1.78
N VAL B 195 -18.12 -36.63 2.84
CA VAL B 195 -17.64 -36.42 4.21
C VAL B 195 -17.84 -37.62 5.11
N PRO B 196 -16.93 -37.87 6.05
CA PRO B 196 -17.08 -39.01 6.95
C PRO B 196 -18.08 -38.75 8.06
N ILE B 197 -18.62 -39.85 8.58
CA ILE B 197 -19.35 -39.82 9.83
C ILE B 197 -18.34 -39.64 10.93
N GLU B 198 -18.63 -38.72 11.86
CA GLU B 198 -17.76 -38.48 13.00
C GLU B 198 -18.62 -38.32 14.25
N ASN B 199 -18.60 -39.33 15.12
CA ASN B 199 -19.36 -39.30 16.37
C ASN B 199 -20.85 -39.50 16.08
N ARG B 200 -21.15 -40.59 15.37
CA ARG B 200 -22.48 -40.83 14.83
C ARG B 200 -23.14 -39.55 14.28
N VAL B 201 -22.35 -38.64 13.68
CA VAL B 201 -22.83 -37.34 13.20
C VAL B 201 -22.21 -37.01 11.84
N CYS B 202 -23.02 -36.38 10.96
CA CYS B 202 -22.52 -35.82 9.69
C CYS B 202 -21.47 -34.75 9.97
N SER B 203 -20.26 -34.98 9.46
CA SER B 203 -19.17 -34.05 9.68
C SER B 203 -19.22 -32.84 8.77
N GLY B 204 -20.24 -32.74 7.90
CA GLY B 204 -20.40 -31.62 7.00
C GLY B 204 -21.47 -30.62 7.46
N CYS B 205 -22.57 -31.13 8.01
CA CYS B 205 -23.56 -30.25 8.59
C CYS B 205 -23.64 -30.38 10.11
N HIS B 206 -23.01 -31.41 10.67
CA HIS B 206 -22.86 -31.62 12.11
C HIS B 206 -24.11 -32.19 12.76
N ILE B 207 -25.10 -32.65 11.98
CA ILE B 207 -26.38 -33.14 12.50
C ILE B 207 -26.35 -34.66 12.59
N ALA B 208 -26.82 -35.19 13.72
CA ALA B 208 -26.66 -36.60 14.00
C ALA B 208 -27.51 -37.46 13.08
N LEU B 209 -27.03 -38.69 12.86
CA LEU B 209 -27.67 -39.77 12.13
C LEU B 209 -28.45 -40.69 13.07
N THR B 210 -29.42 -41.37 12.51
CA THR B 210 -30.04 -42.47 13.22
C THR B 210 -29.05 -43.64 13.27
N PRO B 211 -29.16 -44.48 14.29
CA PRO B 211 -28.37 -45.73 14.25
C PRO B 211 -28.59 -46.52 12.98
N GLN B 212 -29.84 -46.56 12.48
CA GLN B 212 -30.11 -47.34 11.28
C GLN B 212 -29.41 -46.74 10.05
N HIS B 213 -29.34 -45.40 9.98
CA HIS B 213 -28.70 -44.74 8.84
C HIS B 213 -27.19 -44.94 8.86
N GLU B 214 -26.59 -44.86 10.05
CA GLU B 214 -25.17 -45.14 10.22
C GLU B 214 -24.82 -46.56 9.77
N ASN B 215 -25.64 -47.56 10.12
CA ASN B 215 -25.37 -48.93 9.66
C ASN B 215 -25.46 -49.03 8.13
N LEU B 216 -26.37 -48.28 7.50
CA LEU B 216 -26.43 -48.25 6.04
C LEU B 216 -25.12 -47.70 5.43
N VAL B 217 -24.54 -46.66 6.06
CA VAL B 217 -23.29 -46.12 5.55
C VAL B 217 -22.20 -47.18 5.62
N ARG B 218 -22.13 -47.92 6.73
CA ARG B 218 -21.05 -48.89 6.89
C ARG B 218 -21.14 -50.00 5.84
N LYS B 219 -22.33 -50.57 5.64
CA LYS B 219 -22.48 -51.65 4.66
C LYS B 219 -21.92 -51.24 3.31
N GLN B 220 -22.06 -49.96 2.95
CA GLN B 220 -21.40 -49.45 1.77
C GLN B 220 -21.82 -50.22 0.51
N ASP B 221 -23.11 -50.61 0.48
CA ASP B 221 -23.68 -51.32 -0.69
C ASP B 221 -24.01 -50.37 -1.83
N HIS B 222 -24.25 -49.10 -1.51
CA HIS B 222 -24.56 -48.07 -2.48
C HIS B 222 -24.33 -46.72 -1.79
N LEU B 223 -24.41 -45.66 -2.58
CA LEU B 223 -24.17 -44.35 -2.00
C LEU B 223 -25.18 -44.09 -0.89
N VAL B 224 -24.70 -43.50 0.22
CA VAL B 224 -25.55 -43.06 1.32
C VAL B 224 -25.34 -41.56 1.58
N PHE B 225 -26.44 -40.87 1.94
CA PHE B 225 -26.49 -39.40 1.95
C PHE B 225 -27.03 -38.88 3.27
N CYS B 226 -26.49 -37.75 3.70
CA CYS B 226 -27.02 -37.09 4.88
C CYS B 226 -28.42 -36.60 4.57
N GLU B 227 -29.36 -36.88 5.47
CA GLU B 227 -30.76 -36.57 5.18
C GLU B 227 -31.06 -35.09 5.33
N HIS B 228 -30.17 -34.36 5.96
CA HIS B 228 -30.40 -32.94 6.22
C HIS B 228 -29.72 -32.04 5.22
N CYS B 229 -28.47 -32.32 4.87
CA CYS B 229 -27.70 -31.48 3.96
C CYS B 229 -27.44 -32.13 2.60
N SER B 230 -27.75 -33.44 2.43
CA SER B 230 -27.67 -34.20 1.18
C SER B 230 -26.27 -34.56 0.74
N ARG B 231 -25.24 -34.29 1.55
CA ARG B 231 -23.89 -34.71 1.18
C ARG B 231 -23.75 -36.23 1.24
N ILE B 232 -22.73 -36.74 0.53
CA ILE B 232 -22.37 -38.15 0.60
C ILE B 232 -21.68 -38.42 1.93
N LEU B 233 -22.10 -39.47 2.61
CA LEU B 233 -21.50 -39.90 3.86
C LEU B 233 -20.74 -41.20 3.63
N TYR B 234 -19.63 -41.35 4.38
CA TYR B 234 -18.83 -42.56 4.38
C TYR B 234 -18.32 -42.86 5.79
N TRP B 235 -18.00 -44.14 6.03
CA TRP B 235 -17.71 -44.64 7.38
C TRP B 235 -16.31 -44.25 7.86
N GLN B 236 -15.28 -44.82 7.23
CA GLN B 236 -13.86 -44.58 7.61
C GLN B 236 -13.45 -45.22 8.93
ZN ZN C . 35.22 -26.69 -2.22
C1 EDO D . 34.57 -38.87 3.27
O1 EDO D . 33.75 -39.92 2.75
C2 EDO D . 33.71 -38.08 4.26
O2 EDO D . 34.33 -36.81 4.42
ZN ZN E . -25.12 -33.31 6.60
#